data_3H3P
#
_entry.id   3H3P
#
_cell.length_a   92.400
_cell.length_b   92.400
_cell.length_c   272.790
_cell.angle_alpha   90.00
_cell.angle_beta   90.00
_cell.angle_gamma   120.00
#
_symmetry.space_group_name_H-M   'P 65 2 2'
#
loop_
_entity.id
_entity.type
_entity.pdbx_description
1 polymer 'Fv 4E10 heavy chain'
2 polymer 'Fv 4E10 light chain'
3 polymer 4E10_S0_1TJLC_004_N
4 non-polymer 'CALCIUM ION'
5 water water
#
loop_
_entity_poly.entity_id
_entity_poly.type
_entity_poly.pdbx_seq_one_letter_code
_entity_poly.pdbx_strand_id
1 'polypeptide(L)'
;GSQVQLVQSGAEVKRPGSSVTVSCKASGGSFSTYALSWVRQAPGRGLEWMGGVIPLLTITNYAPRFQGRITITADRSTST
AYLELNSLRPEDTAVYYCAREGTTGAGWLGKPIGAFAHWGQGTLVTVSSLEHHHHHH
;
H,I
2 'polypeptide(L)'
;MAEIVLTQSPGTQSLSPGERATLSCRASQSVGNNKLAWYQQRPGQAPRLLIYGASSRPSGVADRFSGSGSGTDFTLTISR
LEPEDFAVYYCQQYGQSLSTFGQGTKVEVKLVPR
;
L,M
3 'polypeptide(L)'
;HHHHHHTNEAYLAHERRELEAKRNQLRDEVDRTKTHMQDEAANDPNWFDITAQLWEFSQELRNRDREEKLIKKIEQTLKK
VENED
;
S,T
#
loop_
_chem_comp.id
_chem_comp.type
_chem_comp.name
_chem_comp.formula
CA non-polymer 'CALCIUM ION' 'Ca 2'
#
# COMPACT_ATOMS: atom_id res chain seq x y z
N GLN A 3 0.02 8.53 9.69
CA GLN A 3 -1.17 8.03 10.43
C GLN A 3 -2.14 7.34 9.46
N VAL A 4 -2.10 7.77 8.21
CA VAL A 4 -2.97 7.28 7.17
C VAL A 4 -2.17 6.66 6.04
N GLN A 5 -2.58 5.48 5.58
CA GLN A 5 -1.95 4.90 4.38
C GLN A 5 -2.92 4.94 3.19
N LEU A 6 -2.41 5.44 2.08
CA LEU A 6 -3.14 5.45 0.82
C LEU A 6 -2.46 4.46 -0.13
N VAL A 7 -3.24 3.57 -0.76
CA VAL A 7 -2.70 2.72 -1.82
C VAL A 7 -3.46 2.92 -3.11
N GLN A 8 -2.73 3.12 -4.20
CA GLN A 8 -3.35 3.34 -5.48
C GLN A 8 -3.40 2.07 -6.35
N SER A 9 -4.31 2.06 -7.30
CA SER A 9 -4.40 0.99 -8.27
C SER A 9 -3.11 1.03 -9.08
N GLY A 10 -2.89 0.00 -9.88
CA GLY A 10 -1.61 -0.20 -10.51
C GLY A 10 -1.48 0.42 -11.88
N ALA A 11 -0.24 0.39 -12.36
CA ALA A 11 0.13 0.88 -13.68
C ALA A 11 -0.87 0.44 -14.77
N GLU A 12 -1.16 1.37 -15.67
CA GLU A 12 -2.17 1.14 -16.69
C GLU A 12 -1.69 1.68 -18.04
N VAL A 13 -2.05 0.99 -19.13
CA VAL A 13 -1.62 1.38 -20.49
C VAL A 13 -2.83 1.70 -21.37
N LYS A 14 -2.91 2.94 -21.88
CA LYS A 14 -4.09 3.40 -22.65
C LYS A 14 -3.77 3.88 -24.06
N ARG A 15 -4.76 3.83 -24.95
CA ARG A 15 -4.60 4.38 -26.29
C ARG A 15 -5.23 5.78 -26.36
N PRO A 16 -4.73 6.63 -27.25
CA PRO A 16 -5.35 7.95 -27.39
C PRO A 16 -6.85 7.86 -27.62
N GLY A 17 -7.58 8.79 -27.01
CA GLY A 17 -9.02 8.87 -27.20
C GLY A 17 -9.81 8.04 -26.19
N SER A 18 -9.09 7.38 -25.29
CA SER A 18 -9.75 6.54 -24.31
C SER A 18 -9.84 7.22 -22.94
N SER A 19 -10.32 6.48 -21.96
CA SER A 19 -10.56 6.98 -20.63
C SER A 19 -9.75 6.16 -19.63
N VAL A 20 -9.35 6.78 -18.52
CA VAL A 20 -8.69 6.04 -17.43
C VAL A 20 -9.34 6.38 -16.10
N THR A 21 -9.48 5.37 -15.25
CA THR A 21 -9.94 5.61 -13.88
C THR A 21 -8.91 5.01 -12.91
N VAL A 22 -8.40 5.85 -12.02
CA VAL A 22 -7.40 5.41 -11.05
C VAL A 22 -8.03 5.45 -9.67
N SER A 23 -7.80 4.40 -8.90
CA SER A 23 -8.38 4.29 -7.57
C SER A 23 -7.32 4.61 -6.53
N CYS A 24 -7.76 5.22 -5.43
CA CYS A 24 -6.94 5.47 -4.24
C CYS A 24 -7.73 5.00 -3.01
N LYS A 25 -7.26 3.96 -2.34
CA LYS A 25 -7.93 3.40 -1.18
C LYS A 25 -7.25 3.90 0.09
N ALA A 26 -8.05 4.39 1.03
CA ALA A 26 -7.52 4.96 2.29
C ALA A 26 -7.76 4.08 3.54
N SER A 27 -6.72 3.93 4.33
CA SER A 27 -6.80 3.14 5.55
C SER A 27 -6.15 3.89 6.72
N GLY A 28 -6.77 3.78 7.90
CA GLY A 28 -6.35 4.58 9.05
C GLY A 28 -7.19 5.86 9.16
N GLY A 29 -7.23 6.44 10.35
CA GLY A 29 -8.03 7.63 10.61
C GLY A 29 -9.46 7.51 10.09
N SER A 30 -10.00 8.66 9.67
CA SER A 30 -11.36 8.75 9.15
C SER A 30 -11.33 9.36 7.75
N PHE A 31 -12.27 8.94 6.92
CA PHE A 31 -12.24 9.23 5.49
C PHE A 31 -13.09 10.43 5.03
N SER A 32 -14.29 10.56 5.58
CA SER A 32 -15.28 11.46 5.00
C SER A 32 -15.00 12.96 5.02
N THR A 33 -14.33 13.47 6.06
CA THR A 33 -14.22 14.92 6.20
C THR A 33 -12.80 15.46 6.03
N TYR A 34 -11.98 14.77 5.25
CA TYR A 34 -10.67 15.29 4.90
C TYR A 34 -10.52 15.35 3.40
N ALA A 35 -9.94 16.43 2.90
CA ALA A 35 -9.91 16.70 1.47
C ALA A 35 -8.86 15.85 0.77
N LEU A 36 -9.25 15.25 -0.35
CA LEU A 36 -8.32 14.45 -1.13
C LEU A 36 -8.10 14.97 -2.55
N SER A 37 -6.86 15.22 -2.94
CA SER A 37 -6.56 15.79 -4.25
C SER A 37 -5.80 14.82 -5.17
N TRP A 38 -5.91 15.03 -6.47
CA TRP A 38 -5.09 14.29 -7.43
C TRP A 38 -4.03 15.19 -8.03
N VAL A 39 -2.79 14.74 -7.94
CA VAL A 39 -1.67 15.52 -8.40
C VAL A 39 -0.83 14.67 -9.32
N ARG A 40 -0.62 15.11 -10.55
CA ARG A 40 0.11 14.27 -11.49
C ARG A 40 1.47 14.84 -11.80
N GLN A 41 2.29 14.01 -12.41
CA GLN A 41 3.66 14.37 -12.69
C GLN A 41 4.12 13.70 -13.98
N ALA A 42 4.26 14.49 -15.05
CA ALA A 42 4.84 13.96 -16.30
C ALA A 42 6.32 13.59 -16.09
N PRO A 43 6.85 12.68 -16.92
CA PRO A 43 8.21 12.24 -16.63
C PRO A 43 9.21 13.36 -16.81
N GLY A 44 10.15 13.45 -15.87
CA GLY A 44 11.22 14.46 -15.92
C GLY A 44 10.75 15.87 -15.55
N ARG A 45 9.45 16.04 -15.45
CA ARG A 45 8.88 17.37 -15.20
C ARG A 45 8.28 17.41 -13.81
N GLY A 46 7.59 18.52 -13.49
CA GLY A 46 7.18 18.81 -12.11
C GLY A 46 5.72 18.49 -11.79
N LEU A 47 5.34 18.70 -10.53
CA LEU A 47 3.98 18.36 -10.06
C LEU A 47 2.90 19.34 -10.57
N GLU A 48 1.72 18.78 -10.87
CA GLU A 48 0.54 19.52 -11.34
C GLU A 48 -0.72 19.07 -10.59
N TRP A 49 -1.33 20.02 -9.88
CA TRP A 49 -2.60 19.82 -9.23
C TRP A 49 -3.79 19.82 -10.22
N MET A 50 -4.61 18.77 -10.16
CA MET A 50 -5.70 18.54 -11.13
C MET A 50 -7.08 18.83 -10.56
N GLY A 51 -7.25 18.51 -9.30
CA GLY A 51 -8.54 18.72 -8.63
C GLY A 51 -8.58 17.92 -7.36
N GLY A 52 -9.71 17.94 -6.68
CA GLY A 52 -9.85 17.18 -5.46
C GLY A 52 -11.31 17.07 -5.07
N VAL A 53 -11.55 16.26 -4.04
CA VAL A 53 -12.89 16.05 -3.50
C VAL A 53 -12.90 15.99 -1.97
N ILE A 54 -14.02 16.41 -1.37
CA ILE A 54 -14.34 16.09 0.01
C ILE A 54 -15.42 15.01 -0.01
N PRO A 55 -15.12 13.81 0.47
CA PRO A 55 -16.12 12.75 0.29
C PRO A 55 -17.52 13.05 0.88
N LEU A 56 -17.56 13.67 2.06
CA LEU A 56 -18.84 14.05 2.63
C LEU A 56 -19.54 15.05 1.70
N LEU A 57 -20.66 14.62 1.12
CA LEU A 57 -21.41 15.41 0.15
C LEU A 57 -20.76 15.47 -1.23
N THR A 58 -19.67 14.72 -1.43
CA THR A 58 -18.91 14.77 -2.69
C THR A 58 -18.79 16.23 -3.15
N ILE A 59 -18.13 17.07 -2.37
CA ILE A 59 -17.87 18.45 -2.77
C ILE A 59 -16.59 18.47 -3.64
N THR A 60 -16.79 18.67 -4.95
CA THR A 60 -15.67 18.67 -5.89
C THR A 60 -15.14 20.06 -6.19
N ASN A 61 -13.94 20.07 -6.76
CA ASN A 61 -13.20 21.26 -7.08
C ASN A 61 -12.25 20.78 -8.18
N TYR A 62 -12.32 21.40 -9.36
CA TYR A 62 -11.51 20.96 -10.50
C TYR A 62 -10.67 22.10 -11.04
N ALA A 63 -9.40 21.83 -11.30
CA ALA A 63 -8.60 22.78 -12.05
C ALA A 63 -9.28 23.05 -13.41
N PRO A 64 -9.41 24.32 -13.78
CA PRO A 64 -9.99 24.69 -15.09
C PRO A 64 -9.49 23.93 -16.32
N ARG A 65 -8.18 23.71 -16.43
CA ARG A 65 -7.64 23.05 -17.63
C ARG A 65 -8.07 21.58 -17.81
N PHE A 66 -8.68 20.99 -16.79
CA PHE A 66 -9.22 19.64 -16.93
C PHE A 66 -10.73 19.64 -16.95
N GLN A 67 -11.33 20.80 -16.76
CA GLN A 67 -12.80 20.84 -16.70
C GLN A 67 -13.36 20.23 -17.97
N GLY A 68 -14.31 19.33 -17.82
CA GLY A 68 -14.95 18.68 -18.97
C GLY A 68 -14.36 17.31 -19.30
N ARG A 69 -13.12 17.07 -18.90
CA ARG A 69 -12.45 15.79 -19.14
C ARG A 69 -12.33 14.95 -17.87
N ILE A 70 -12.53 15.60 -16.73
CA ILE A 70 -12.21 15.01 -15.43
C ILE A 70 -13.45 14.77 -14.58
N THR A 71 -13.43 13.69 -13.80
CA THR A 71 -14.48 13.41 -12.83
C THR A 71 -13.81 12.82 -11.61
N ILE A 72 -14.12 13.37 -10.44
CA ILE A 72 -13.62 12.81 -9.18
C ILE A 72 -14.79 12.34 -8.33
N THR A 73 -14.68 11.11 -7.83
CA THR A 73 -15.73 10.53 -7.01
C THR A 73 -15.13 9.82 -5.79
N ALA A 74 -15.95 9.68 -4.76
CA ALA A 74 -15.52 9.16 -3.48
C ALA A 74 -16.56 8.19 -2.97
N ASP A 75 -16.10 7.09 -2.37
CA ASP A 75 -17.00 6.03 -1.92
C ASP A 75 -16.79 5.83 -0.42
N ARG A 76 -17.80 6.17 0.37
CA ARG A 76 -17.61 6.28 1.80
C ARG A 76 -17.52 4.93 2.51
N SER A 77 -18.12 3.90 1.93
CA SER A 77 -18.08 2.59 2.56
C SER A 77 -16.75 1.86 2.34
N THR A 78 -15.99 2.30 1.35
CA THR A 78 -14.72 1.63 1.06
C THR A 78 -13.53 2.55 1.21
N SER A 79 -13.79 3.77 1.69
CA SER A 79 -12.75 4.78 1.90
C SER A 79 -11.91 4.97 0.64
N THR A 80 -12.55 4.88 -0.52
CA THR A 80 -11.82 4.89 -1.78
C THR A 80 -12.27 6.07 -2.63
N ALA A 81 -11.30 6.79 -3.16
CA ALA A 81 -11.55 7.92 -4.07
C ALA A 81 -11.09 7.51 -5.46
N TYR A 82 -11.73 8.09 -6.47
CA TYR A 82 -11.50 7.73 -7.87
C TYR A 82 -11.28 8.96 -8.75
N LEU A 83 -10.27 8.88 -9.62
CA LEU A 83 -10.05 9.89 -10.67
C LEU A 83 -10.32 9.33 -12.07
N GLU A 84 -11.20 9.99 -12.81
CA GLU A 84 -11.55 9.59 -14.17
C GLU A 84 -11.09 10.72 -15.09
N LEU A 85 -10.20 10.40 -16.02
CA LEU A 85 -9.72 11.36 -16.98
C LEU A 85 -9.99 10.78 -18.35
N ASN A 86 -10.73 11.50 -19.19
CA ASN A 86 -11.02 10.97 -20.52
C ASN A 86 -10.44 11.82 -21.63
N SER A 87 -10.74 11.48 -22.87
CA SER A 87 -10.14 12.13 -24.03
C SER A 87 -8.63 12.18 -23.90
N LEU A 88 -8.01 11.05 -23.59
CA LEU A 88 -6.58 11.00 -23.30
C LEU A 88 -5.73 11.19 -24.55
N ARG A 89 -4.59 11.85 -24.38
CA ARG A 89 -3.60 12.05 -25.44
C ARG A 89 -2.24 11.71 -24.82
N PRO A 90 -1.22 11.45 -25.65
CA PRO A 90 0.11 11.08 -25.16
C PRO A 90 0.68 12.08 -24.16
N GLU A 91 0.37 13.35 -24.33
CA GLU A 91 0.71 14.38 -23.33
C GLU A 91 0.17 14.08 -21.92
N ASP A 92 -0.77 13.16 -21.81
CA ASP A 92 -1.33 12.79 -20.50
C ASP A 92 -0.53 11.71 -19.81
N THR A 93 0.47 11.17 -20.51
CA THR A 93 1.39 10.19 -19.93
C THR A 93 2.02 10.77 -18.68
N ALA A 94 1.85 10.09 -17.55
CA ALA A 94 2.41 10.60 -16.30
C ALA A 94 2.14 9.65 -15.14
N VAL A 95 2.74 9.96 -13.99
CA VAL A 95 2.44 9.25 -12.75
C VAL A 95 1.38 10.04 -12.01
N TYR A 96 0.31 9.40 -11.59
CA TYR A 96 -0.81 10.11 -10.97
C TYR A 96 -0.85 9.78 -9.49
N TYR A 97 -0.97 10.81 -8.65
CA TYR A 97 -0.92 10.65 -7.19
C TYR A 97 -2.19 11.10 -6.52
N CYS A 98 -2.64 10.33 -5.53
CA CYS A 98 -3.70 10.82 -4.65
C CYS A 98 -3.01 11.43 -3.44
N ALA A 99 -3.63 12.45 -2.87
CA ALA A 99 -3.02 13.25 -1.81
C ALA A 99 -4.11 13.75 -0.88
N ARG A 100 -3.92 13.48 0.40
CA ARG A 100 -4.95 13.79 1.36
C ARG A 100 -4.45 14.78 2.38
N GLU A 101 -5.37 15.58 2.87
CA GLU A 101 -5.12 16.63 3.85
C GLU A 101 -4.33 16.08 5.04
N GLY A 102 -3.53 16.92 5.66
CA GLY A 102 -2.89 16.56 6.93
C GLY A 102 -3.75 17.00 8.10
N THR A 103 -3.33 16.66 9.32
CA THR A 103 -4.05 17.09 10.51
C THR A 103 -3.07 17.55 11.58
N THR A 104 -3.57 18.33 12.55
CA THR A 104 -2.71 19.00 13.51
C THR A 104 -2.62 18.22 14.80
N GLY A 105 -1.42 18.18 15.37
CA GLY A 105 -1.17 17.48 16.63
C GLY A 105 -0.82 16.03 16.38
N TRP A 108 -5.04 11.73 14.67
CA TRP A 108 -5.48 11.50 13.29
C TRP A 108 -6.83 12.16 13.00
N LEU A 109 -7.64 12.35 14.04
CA LEU A 109 -8.92 13.06 13.94
C LEU A 109 -8.78 14.57 14.26
N GLY A 110 -7.57 15.09 14.17
CA GLY A 110 -7.28 16.51 14.46
C GLY A 110 -7.57 17.47 13.31
N LYS A 111 -7.51 18.76 13.61
CA LYS A 111 -7.85 19.83 12.67
C LYS A 111 -7.10 19.69 11.32
N PRO A 112 -7.83 19.72 10.19
CA PRO A 112 -7.16 19.60 8.90
C PRO A 112 -6.27 20.79 8.62
N ILE A 113 -5.17 20.57 7.90
CA ILE A 113 -4.24 21.65 7.61
C ILE A 113 -4.26 22.16 6.16
N GLY A 114 -5.05 21.51 5.31
CA GLY A 114 -5.16 21.90 3.90
C GLY A 114 -4.07 21.26 3.07
N ALA A 115 -2.83 21.46 3.50
CA ALA A 115 -1.66 20.98 2.76
C ALA A 115 -1.54 19.47 2.85
N PHE A 116 -0.86 18.87 1.89
CA PHE A 116 -0.95 17.43 1.69
C PHE A 116 0.09 16.66 2.47
N ALA A 117 -0.32 16.11 3.60
CA ALA A 117 0.57 15.30 4.44
C ALA A 117 0.72 13.85 3.95
N HIS A 118 -0.28 13.32 3.24
CA HIS A 118 -0.32 11.86 2.97
C HIS A 118 -0.48 11.49 1.49
N TRP A 119 0.48 10.75 0.95
CA TRP A 119 0.46 10.43 -0.47
C TRP A 119 0.26 8.95 -0.72
N GLY A 120 -0.37 8.64 -1.84
CA GLY A 120 -0.40 7.29 -2.37
C GLY A 120 0.92 7.07 -3.06
N GLN A 121 1.14 5.85 -3.56
CA GLN A 121 2.46 5.47 -4.10
C GLN A 121 2.63 5.93 -5.55
N GLY A 122 1.53 6.34 -6.17
CA GLY A 122 1.57 6.82 -7.55
C GLY A 122 1.06 5.76 -8.52
N THR A 123 0.55 6.21 -9.65
CA THR A 123 0.13 5.30 -10.70
C THR A 123 0.59 5.81 -12.05
N LEU A 124 1.56 5.13 -12.65
CA LEU A 124 1.98 5.49 -14.02
C LEU A 124 0.88 5.10 -15.00
N VAL A 125 0.36 6.09 -15.72
CA VAL A 125 -0.54 5.85 -16.85
C VAL A 125 0.18 6.29 -18.11
N THR A 126 0.36 5.36 -19.04
CA THR A 126 0.99 5.67 -20.32
C THR A 126 -0.07 5.74 -21.42
N VAL A 127 -0.06 6.83 -22.18
CA VAL A 127 -0.94 6.97 -23.34
C VAL A 127 -0.12 6.96 -24.62
N SER A 128 -0.33 5.97 -25.46
CA SER A 128 0.48 5.81 -26.68
C SER A 128 -0.21 4.99 -27.74
N SER A 129 0.29 5.15 -28.96
CA SER A 129 -0.23 4.45 -30.14
C SER A 129 0.90 3.78 -30.92
N GLN B 3 6.27 -1.82 13.21
CA GLN B 3 5.27 -2.92 12.98
C GLN B 3 5.30 -3.41 11.53
N VAL B 4 4.16 -3.81 10.99
CA VAL B 4 4.15 -4.31 9.62
C VAL B 4 2.70 -4.37 9.21
N GLN B 5 2.35 -3.64 8.18
CA GLN B 5 0.97 -3.56 7.81
C GLN B 5 0.98 -3.53 6.32
N LEU B 6 0.38 -4.52 5.70
CA LEU B 6 0.19 -4.50 4.26
C LEU B 6 -1.21 -3.93 3.97
N VAL B 7 -1.31 -2.98 3.05
CA VAL B 7 -2.61 -2.43 2.62
C VAL B 7 -2.76 -2.52 1.10
N GLN B 8 -3.88 -3.05 0.65
CA GLN B 8 -4.06 -3.35 -0.78
C GLN B 8 -5.02 -2.41 -1.52
N SER B 9 -4.81 -2.31 -2.82
CA SER B 9 -5.63 -1.48 -3.69
C SER B 9 -7.03 -2.04 -3.76
N GLY B 10 -7.99 -1.19 -4.12
CA GLY B 10 -9.38 -1.55 -4.16
C GLY B 10 -9.88 -2.43 -5.29
N ALA B 11 -11.11 -2.88 -5.14
CA ALA B 11 -11.76 -3.76 -6.11
C ALA B 11 -11.64 -3.23 -7.54
N GLU B 12 -11.42 -4.12 -8.48
CA GLU B 12 -11.30 -3.77 -9.89
C GLU B 12 -12.27 -4.66 -10.70
N VAL B 13 -12.83 -4.14 -11.79
CA VAL B 13 -13.73 -4.91 -12.63
C VAL B 13 -13.19 -4.94 -14.06
N LYS B 14 -13.11 -6.13 -14.62
CA LYS B 14 -12.33 -6.32 -15.83
C LYS B 14 -13.05 -7.21 -16.83
N ARG B 15 -12.76 -6.99 -18.09
CA ARG B 15 -13.35 -7.80 -19.13
C ARG B 15 -12.36 -8.88 -19.61
N PRO B 16 -12.91 -10.00 -20.09
CA PRO B 16 -12.11 -11.12 -20.54
C PRO B 16 -11.06 -10.68 -21.56
N GLY B 17 -9.86 -11.22 -21.40
CA GLY B 17 -8.76 -10.91 -22.31
C GLY B 17 -7.93 -9.72 -21.89
N SER B 18 -8.31 -9.10 -20.78
CA SER B 18 -7.65 -7.87 -20.33
C SER B 18 -6.58 -8.17 -19.27
N SER B 19 -5.88 -7.14 -18.85
CA SER B 19 -4.88 -7.27 -17.81
C SER B 19 -5.12 -6.23 -16.75
N VAL B 20 -4.63 -6.49 -15.54
CA VAL B 20 -4.78 -5.56 -14.47
C VAL B 20 -3.64 -5.78 -13.50
N THR B 21 -3.19 -4.69 -12.89
CA THR B 21 -2.09 -4.77 -11.94
C THR B 21 -2.54 -4.29 -10.58
N VAL B 22 -2.25 -5.10 -9.58
CA VAL B 22 -2.81 -4.91 -8.24
C VAL B 22 -1.69 -4.58 -7.27
N SER B 23 -1.97 -3.71 -6.31
CA SER B 23 -0.94 -3.17 -5.44
C SER B 23 -1.01 -3.64 -4.00
N CYS B 24 0.17 -3.91 -3.44
CA CYS B 24 0.30 -4.18 -2.02
C CYS B 24 1.37 -3.28 -1.41
N LYS B 25 0.95 -2.37 -0.54
CA LYS B 25 1.86 -1.36 0.02
C LYS B 25 2.23 -1.69 1.48
N ALA B 26 3.51 -1.56 1.79
CA ALA B 26 4.05 -2.02 3.06
C ALA B 26 4.57 -0.87 3.93
N SER B 27 4.22 -0.90 5.21
CA SER B 27 4.72 0.07 6.17
C SER B 27 5.38 -0.66 7.33
N GLY B 28 6.42 -0.06 7.90
CA GLY B 28 7.15 -0.67 9.00
C GLY B 28 7.96 -1.87 8.55
N GLY B 29 9.05 -2.13 9.26
CA GLY B 29 9.92 -3.26 8.95
C GLY B 29 10.81 -3.02 7.74
N SER B 30 11.63 -4.02 7.41
CA SER B 30 12.46 -3.96 6.22
C SER B 30 11.65 -4.53 5.06
N PHE B 31 11.43 -3.70 4.05
CA PHE B 31 10.77 -4.12 2.82
C PHE B 31 11.67 -5.04 1.97
N SER B 32 12.95 -4.70 1.91
CA SER B 32 13.83 -5.28 0.93
C SER B 32 14.23 -6.71 1.20
N THR B 33 14.27 -7.08 2.48
CA THR B 33 14.90 -8.34 2.89
C THR B 33 13.93 -9.34 3.52
N TYR B 34 12.64 -9.21 3.25
CA TYR B 34 11.64 -10.18 3.73
C TYR B 34 10.74 -10.64 2.60
N ALA B 35 10.39 -11.92 2.64
CA ALA B 35 9.64 -12.55 1.53
C ALA B 35 8.19 -12.10 1.45
N LEU B 36 7.80 -11.68 0.25
CA LEU B 36 6.44 -11.23 -0.01
C LEU B 36 5.74 -12.15 -1.04
N SER B 37 4.50 -12.52 -0.76
CA SER B 37 3.79 -13.50 -1.58
C SER B 37 2.39 -13.09 -1.96
N TRP B 38 1.90 -13.69 -3.04
CA TRP B 38 0.55 -13.49 -3.51
C TRP B 38 -0.23 -14.79 -3.42
N VAL B 39 -1.36 -14.73 -2.74
CA VAL B 39 -2.22 -15.87 -2.53
C VAL B 39 -3.62 -15.52 -2.97
N ARG B 40 -4.25 -16.42 -3.74
CA ARG B 40 -5.57 -16.13 -4.25
C ARG B 40 -6.62 -17.07 -3.70
N GLN B 41 -7.85 -16.57 -3.69
CA GLN B 41 -9.01 -17.29 -3.18
C GLN B 41 -10.27 -16.95 -4.00
N ALA B 42 -10.88 -17.95 -4.62
CA ALA B 42 -12.10 -17.77 -5.39
C ALA B 42 -13.33 -17.90 -4.49
N PRO B 43 -14.41 -17.21 -4.82
CA PRO B 43 -15.60 -17.29 -3.98
C PRO B 43 -15.95 -18.71 -3.51
N GLY B 44 -16.04 -18.88 -2.20
CA GLY B 44 -16.39 -20.17 -1.59
C GLY B 44 -15.41 -21.30 -1.90
N ARG B 45 -14.15 -20.94 -2.15
CA ARG B 45 -13.10 -21.94 -2.47
C ARG B 45 -11.88 -21.68 -1.61
N GLY B 46 -10.86 -22.52 -1.76
CA GLY B 46 -9.71 -22.49 -0.87
C GLY B 46 -8.58 -21.58 -1.34
N LEU B 47 -7.55 -21.45 -0.49
CA LEU B 47 -6.39 -20.61 -0.77
C LEU B 47 -5.42 -21.27 -1.75
N GLU B 48 -4.78 -20.43 -2.56
CA GLU B 48 -3.85 -20.88 -3.60
C GLU B 48 -2.62 -20.00 -3.63
N TRP B 49 -1.44 -20.57 -3.39
CA TRP B 49 -0.21 -19.78 -3.47
C TRP B 49 0.09 -19.55 -4.93
N MET B 50 0.36 -18.29 -5.27
CA MET B 50 0.56 -17.91 -6.66
C MET B 50 2.03 -17.76 -6.99
N GLY B 51 2.71 -16.96 -6.17
CA GLY B 51 4.12 -16.66 -6.38
C GLY B 51 4.56 -15.62 -5.39
N GLY B 52 5.83 -15.26 -5.42
CA GLY B 52 6.35 -14.28 -4.47
C GLY B 52 7.60 -13.56 -4.95
N VAL B 53 8.03 -12.56 -4.19
CA VAL B 53 9.17 -11.75 -4.55
C VAL B 53 9.94 -11.30 -3.30
N ILE B 54 11.25 -11.49 -3.33
CA ILE B 54 12.15 -10.89 -2.36
C ILE B 54 12.71 -9.67 -3.07
N PRO B 55 12.32 -8.44 -2.64
CA PRO B 55 12.73 -7.21 -3.33
C PRO B 55 14.22 -7.02 -3.54
N LEU B 56 15.05 -7.28 -2.54
CA LEU B 56 16.49 -7.16 -2.77
C LEU B 56 16.80 -8.10 -3.95
N LEU B 57 17.23 -7.49 -5.06
CA LEU B 57 17.56 -8.21 -6.31
C LEU B 57 16.34 -8.74 -7.08
N THR B 58 15.13 -8.45 -6.62
CA THR B 58 13.92 -8.94 -7.28
C THR B 58 14.06 -10.43 -7.59
N ILE B 59 14.23 -11.24 -6.54
CA ILE B 59 14.25 -12.69 -6.70
C ILE B 59 12.82 -13.20 -6.69
N THR B 60 12.34 -13.64 -7.84
CA THR B 60 10.93 -14.01 -7.92
C THR B 60 10.80 -15.52 -7.90
N ASN B 61 9.57 -15.99 -7.69
CA ASN B 61 9.28 -17.41 -7.57
C ASN B 61 7.81 -17.65 -7.93
N TYR B 62 7.57 -18.25 -9.09
CA TYR B 62 6.23 -18.41 -9.60
C TYR B 62 5.75 -19.83 -9.47
N ALA B 63 4.48 -20.00 -9.15
CA ALA B 63 3.85 -21.30 -9.21
C ALA B 63 3.60 -21.56 -10.68
N PRO B 64 4.07 -22.71 -11.19
CA PRO B 64 3.85 -23.12 -12.58
C PRO B 64 2.39 -23.03 -13.05
N ARG B 65 1.45 -23.36 -12.16
CA ARG B 65 0.02 -23.25 -12.47
C ARG B 65 -0.36 -21.85 -12.94
N PHE B 66 0.45 -20.86 -12.59
CA PHE B 66 0.22 -19.47 -13.02
C PHE B 66 1.35 -18.92 -13.88
N GLN B 67 2.50 -19.57 -13.89
CA GLN B 67 3.61 -19.11 -14.70
C GLN B 67 3.06 -18.72 -16.07
N GLY B 68 3.44 -17.54 -16.55
CA GLY B 68 3.06 -17.07 -17.89
C GLY B 68 1.89 -16.09 -17.90
N ARG B 69 1.00 -16.22 -16.92
CA ARG B 69 -0.20 -15.39 -16.84
C ARG B 69 -0.13 -14.38 -15.70
N ILE B 70 1.00 -14.36 -14.99
CA ILE B 70 1.21 -13.38 -13.93
C ILE B 70 2.65 -12.87 -13.92
N THR B 71 2.84 -11.69 -13.31
CA THR B 71 4.16 -11.06 -13.21
C THR B 71 4.22 -10.31 -11.87
N ILE B 72 5.22 -10.62 -11.07
CA ILE B 72 5.36 -9.97 -9.78
C ILE B 72 6.56 -9.03 -9.80
N THR B 73 6.37 -7.83 -9.26
CA THR B 73 7.42 -6.85 -9.18
C THR B 73 7.34 -6.14 -7.85
N ALA B 74 8.42 -5.43 -7.53
CA ALA B 74 8.56 -4.81 -6.24
C ALA B 74 9.23 -3.47 -6.45
N ASP B 75 8.70 -2.42 -5.83
CA ASP B 75 9.26 -1.07 -5.99
C ASP B 75 9.83 -0.59 -4.66
N ARG B 76 11.15 -0.61 -4.54
CA ARG B 76 11.76 -0.36 -3.25
C ARG B 76 11.69 1.11 -2.87
N SER B 77 11.61 1.98 -3.87
CA SER B 77 11.51 3.40 -3.55
C SER B 77 10.14 3.78 -3.01
N THR B 78 9.18 2.85 -3.08
CA THR B 78 7.84 3.05 -2.50
C THR B 78 7.37 1.97 -1.52
N SER B 79 8.13 0.89 -1.38
CA SER B 79 7.71 -0.24 -0.52
C SER B 79 6.38 -0.82 -0.97
N THR B 80 6.18 -0.82 -2.28
CA THR B 80 4.94 -1.35 -2.85
C THR B 80 5.27 -2.55 -3.74
N ALA B 81 4.59 -3.66 -3.50
CA ALA B 81 4.70 -4.84 -4.35
C ALA B 81 3.47 -4.89 -5.25
N TYR B 82 3.67 -5.37 -6.47
CA TYR B 82 2.61 -5.39 -7.49
C TYR B 82 2.45 -6.77 -8.10
N LEU B 83 1.22 -7.10 -8.47
CA LEU B 83 0.90 -8.38 -9.10
C LEU B 83 0.15 -8.11 -10.39
N GLU B 84 0.75 -8.44 -11.52
CA GLU B 84 0.06 -8.28 -12.81
C GLU B 84 -0.50 -9.62 -13.27
N LEU B 85 -1.83 -9.67 -13.46
CA LEU B 85 -2.49 -10.85 -14.02
C LEU B 85 -2.91 -10.46 -15.40
N ASN B 86 -2.41 -11.17 -16.40
CA ASN B 86 -2.78 -10.92 -17.78
C ASN B 86 -3.65 -12.05 -18.31
N SER B 87 -4.35 -11.79 -19.42
CA SER B 87 -5.09 -12.83 -20.15
C SER B 87 -6.22 -13.42 -19.30
N LEU B 88 -7.08 -12.53 -18.83
CA LEU B 88 -8.08 -12.88 -17.82
C LEU B 88 -9.27 -13.63 -18.41
N ARG B 89 -9.84 -14.53 -17.60
CA ARG B 89 -11.12 -15.14 -17.89
C ARG B 89 -11.96 -15.06 -16.62
N PRO B 90 -13.28 -15.27 -16.74
CA PRO B 90 -14.23 -15.30 -15.62
C PRO B 90 -13.80 -16.20 -14.46
N GLU B 91 -13.02 -17.23 -14.77
CA GLU B 91 -12.53 -18.16 -13.77
C GLU B 91 -11.42 -17.55 -12.89
N ASP B 92 -10.90 -16.40 -13.34
CA ASP B 92 -9.85 -15.69 -12.62
C ASP B 92 -10.44 -14.83 -11.49
N THR B 93 -11.77 -14.68 -11.49
CA THR B 93 -12.49 -14.00 -10.43
C THR B 93 -12.08 -14.55 -9.08
N ALA B 94 -11.64 -13.66 -8.20
CA ALA B 94 -11.13 -14.10 -6.90
C ALA B 94 -10.77 -12.89 -6.05
N VAL B 95 -10.51 -13.13 -4.77
CA VAL B 95 -9.82 -12.18 -3.93
C VAL B 95 -8.36 -12.56 -3.97
N TYR B 96 -7.50 -11.54 -3.98
CA TYR B 96 -6.05 -11.73 -4.15
C TYR B 96 -5.34 -11.08 -2.97
N TYR B 97 -4.83 -11.90 -2.05
CA TYR B 97 -4.11 -11.39 -0.88
C TYR B 97 -2.62 -11.28 -1.15
N CYS B 98 -1.99 -10.28 -0.56
CA CYS B 98 -0.53 -10.26 -0.49
C CYS B 98 -0.22 -10.64 0.95
N ALA B 99 0.90 -11.30 1.16
CA ALA B 99 1.26 -11.76 2.47
C ALA B 99 2.78 -11.68 2.64
N ARG B 100 3.20 -11.27 3.82
CA ARG B 100 4.62 -11.12 4.12
C ARG B 100 4.99 -12.05 5.27
N GLU B 101 6.17 -12.65 5.18
CA GLU B 101 6.58 -13.64 6.16
C GLU B 101 6.83 -13.02 7.51
N GLY B 102 6.61 -13.78 8.57
CA GLY B 102 6.85 -13.30 9.93
C GLY B 102 8.29 -13.39 10.43
N THR B 103 8.49 -13.04 11.70
CA THR B 103 9.81 -12.97 12.29
C THR B 103 9.82 -13.53 13.72
N THR B 104 10.95 -14.12 14.10
CA THR B 104 11.08 -14.71 15.43
C THR B 104 11.51 -13.67 16.45
N GLY B 105 10.59 -13.31 17.34
CA GLY B 105 10.89 -12.38 18.44
C GLY B 105 9.86 -11.26 18.58
N TRP B 108 10.67 -6.43 15.84
CA TRP B 108 10.10 -6.86 14.57
C TRP B 108 11.11 -6.91 13.40
N LEU B 109 12.41 -6.89 13.70
CA LEU B 109 13.48 -7.10 12.70
C LEU B 109 14.26 -8.39 13.02
N GLY B 110 13.50 -9.40 13.43
CA GLY B 110 14.07 -10.67 13.82
C GLY B 110 14.20 -11.61 12.64
N LYS B 111 14.47 -12.86 12.98
CA LYS B 111 14.77 -13.88 11.99
C LYS B 111 13.48 -14.34 11.32
N PRO B 112 13.44 -14.33 9.97
CA PRO B 112 12.23 -14.69 9.21
C PRO B 112 11.80 -16.14 9.37
N ILE B 113 10.49 -16.38 9.34
CA ILE B 113 9.97 -17.73 9.55
C ILE B 113 9.34 -18.38 8.31
N GLY B 114 9.28 -17.65 7.20
CA GLY B 114 8.68 -18.18 5.96
C GLY B 114 7.17 -18.08 5.91
N ALA B 115 6.48 -18.72 6.86
CA ALA B 115 5.03 -18.69 6.89
C ALA B 115 4.58 -17.25 6.98
N PHE B 116 3.36 -17.00 6.56
CA PHE B 116 2.89 -15.62 6.42
C PHE B 116 2.10 -15.16 7.64
N ALA B 117 2.74 -14.34 8.45
CA ALA B 117 2.11 -13.79 9.65
C ALA B 117 1.34 -12.50 9.36
N HIS B 118 1.69 -11.82 8.27
CA HIS B 118 1.13 -10.50 7.98
C HIS B 118 0.44 -10.51 6.65
N TRP B 119 -0.84 -10.19 6.66
CA TRP B 119 -1.63 -10.22 5.45
C TRP B 119 -2.27 -8.88 5.13
N GLY B 120 -2.54 -8.68 3.84
CA GLY B 120 -3.35 -7.57 3.39
C GLY B 120 -4.83 -7.88 3.61
N GLN B 121 -5.68 -6.91 3.28
CA GLN B 121 -7.13 -7.05 3.45
C GLN B 121 -7.72 -7.79 2.25
N GLY B 122 -6.97 -7.80 1.14
CA GLY B 122 -7.40 -8.46 -0.08
C GLY B 122 -7.95 -7.47 -1.11
N THR B 123 -7.87 -7.87 -2.38
CA THR B 123 -8.38 -7.09 -3.49
C THR B 123 -9.18 -8.01 -4.40
N LEU B 124 -10.47 -7.74 -4.52
CA LEU B 124 -11.30 -8.58 -5.36
C LEU B 124 -11.15 -8.11 -6.81
N VAL B 125 -10.88 -9.05 -7.69
CA VAL B 125 -10.84 -8.78 -9.11
C VAL B 125 -11.94 -9.60 -9.73
N THR B 126 -12.91 -8.92 -10.31
CA THR B 126 -14.03 -9.58 -10.95
C THR B 126 -13.85 -9.51 -12.46
N VAL B 127 -13.94 -10.65 -13.12
CA VAL B 127 -13.88 -10.71 -14.58
C VAL B 127 -15.26 -11.02 -15.17
N SER B 128 -15.82 -10.07 -15.90
CA SER B 128 -17.19 -10.20 -16.37
C SER B 128 -17.38 -9.51 -17.73
N SER B 129 -18.32 -10.04 -18.51
CA SER B 129 -18.56 -9.59 -19.89
C SER B 129 -19.61 -8.47 -20.01
N LEU B 130 -20.41 -8.28 -18.95
CA LEU B 130 -21.48 -7.25 -18.96
C LEU B 130 -21.68 -6.63 -17.58
N GLU C 3 -5.56 32.29 -11.93
CA GLU C 3 -4.45 31.32 -11.73
C GLU C 3 -3.11 31.95 -11.31
N ILE C 4 -2.58 31.49 -10.17
CA ILE C 4 -1.33 31.99 -9.60
C ILE C 4 -0.15 31.15 -10.08
N VAL C 5 0.87 31.82 -10.61
CA VAL C 5 2.11 31.14 -11.00
C VAL C 5 3.14 31.24 -9.88
N LEU C 6 3.73 30.10 -9.55
CA LEU C 6 4.78 30.06 -8.54
C LEU C 6 6.11 29.77 -9.22
N THR C 7 6.92 30.81 -9.36
CA THR C 7 8.22 30.69 -9.98
C THR C 7 9.28 30.38 -8.92
N GLN C 8 9.98 29.25 -9.10
CA GLN C 8 11.02 28.83 -8.15
C GLN C 8 12.39 29.19 -8.64
N SER C 9 13.22 29.63 -7.70
CA SER C 9 14.58 30.06 -7.98
C SER C 9 15.48 29.58 -6.83
N PRO C 10 16.69 29.07 -7.15
CA PRO C 10 17.26 28.83 -8.48
C PRO C 10 16.82 27.49 -9.03
N GLY C 11 16.97 27.30 -10.34
CA GLY C 11 16.61 26.02 -10.95
C GLY C 11 17.40 24.85 -10.40
N THR C 12 18.69 25.08 -10.16
CA THR C 12 19.60 24.02 -9.71
C THR C 12 20.62 24.55 -8.70
N GLN C 13 20.39 24.22 -7.43
CA GLN C 13 21.34 24.44 -6.34
C GLN C 13 22.38 23.34 -6.33
N SER C 14 23.65 23.73 -6.31
CA SER C 14 24.75 22.77 -6.24
C SER C 14 25.61 23.04 -5.01
N LEU C 15 25.45 22.20 -3.99
CA LEU C 15 26.11 22.41 -2.70
C LEU C 15 26.75 21.14 -2.14
N SER C 16 27.53 21.29 -1.08
CA SER C 16 28.18 20.17 -0.39
C SER C 16 27.48 19.82 0.94
N PRO C 17 27.59 18.55 1.38
CA PRO C 17 27.04 18.12 2.66
C PRO C 17 27.49 18.99 3.83
N GLY C 18 26.54 19.45 4.63
CA GLY C 18 26.85 20.27 5.80
C GLY C 18 26.71 21.75 5.52
N GLU C 19 26.53 22.11 4.26
CA GLU C 19 26.35 23.50 3.87
C GLU C 19 24.87 23.89 3.94
N ARG C 20 24.58 25.14 3.60
CA ARG C 20 23.26 25.73 3.80
C ARG C 20 22.50 25.98 2.48
N ALA C 21 21.23 25.58 2.44
CA ALA C 21 20.44 25.74 1.22
C ALA C 21 19.30 26.73 1.40
N THR C 22 19.29 27.78 0.58
CA THR C 22 18.22 28.78 0.59
C THR C 22 17.47 28.73 -0.75
N LEU C 23 16.20 28.32 -0.70
CA LEU C 23 15.39 28.12 -1.90
C LEU C 23 14.26 29.14 -1.97
N SER C 24 14.06 29.74 -3.15
CA SER C 24 13.08 30.81 -3.33
C SER C 24 11.81 30.35 -4.05
N CYS C 25 10.68 30.94 -3.66
CA CYS C 25 9.40 30.71 -4.33
C CYS C 25 8.68 32.04 -4.52
N ARG C 26 8.48 32.41 -5.77
CA ARG C 26 7.88 33.69 -6.13
C ARG C 26 6.49 33.46 -6.71
N ALA C 27 5.48 34.06 -6.08
CA ALA C 27 4.09 33.89 -6.48
C ALA C 27 3.61 35.13 -7.23
N SER C 28 2.94 34.92 -8.37
CA SER C 28 2.53 36.02 -9.26
C SER C 28 1.47 36.95 -8.67
N GLN C 29 0.77 36.49 -7.64
CA GLN C 29 -0.14 37.32 -6.86
C GLN C 29 0.04 36.94 -5.41
N SER C 30 -0.57 37.69 -4.50
CA SER C 30 -0.49 37.38 -3.09
C SER C 30 -1.21 36.07 -2.76
N VAL C 31 -0.51 35.21 -2.03
CA VAL C 31 -1.06 33.92 -1.61
C VAL C 31 -2.08 34.10 -0.50
N GLY C 32 -3.33 33.72 -0.76
CA GLY C 32 -4.41 33.91 0.21
C GLY C 32 -4.11 33.29 1.57
N ASN C 33 -4.09 34.11 2.61
CA ASN C 33 -3.87 33.62 3.97
C ASN C 33 -2.53 32.89 4.18
N ASN C 34 -1.51 33.22 3.40
CA ASN C 34 -0.22 32.56 3.51
C ASN C 34 -0.35 31.04 3.48
N LYS C 35 -1.32 30.55 2.72
CA LYS C 35 -1.52 29.11 2.53
C LYS C 35 -0.53 28.58 1.49
N LEU C 36 0.74 28.46 1.88
CA LEU C 36 1.79 27.97 0.99
C LEU C 36 2.54 26.83 1.66
N ALA C 37 2.74 25.73 0.93
CA ALA C 37 3.50 24.58 1.47
C ALA C 37 4.76 24.25 0.66
N TRP C 38 5.65 23.49 1.29
CA TRP C 38 6.88 23.04 0.66
C TRP C 38 6.93 21.51 0.71
N TYR C 39 7.43 20.89 -0.35
CA TYR C 39 7.50 19.41 -0.41
C TYR C 39 8.87 18.92 -0.88
N GLN C 40 9.29 17.78 -0.32
CA GLN C 40 10.54 17.11 -0.73
C GLN C 40 10.20 15.90 -1.56
N GLN C 41 10.91 15.69 -2.67
CA GLN C 41 10.73 14.45 -3.44
C GLN C 41 12.04 13.81 -3.88
N ARG C 42 12.27 12.57 -3.41
CA ARG C 42 13.42 11.76 -3.83
C ARG C 42 13.05 10.89 -5.02
N PRO C 43 14.04 10.56 -5.88
CA PRO C 43 13.69 9.81 -7.09
C PRO C 43 12.82 8.59 -6.82
N GLY C 44 11.75 8.47 -7.61
CA GLY C 44 10.85 7.32 -7.52
C GLY C 44 9.89 7.37 -6.34
N GLN C 45 10.08 8.33 -5.44
CA GLN C 45 9.26 8.41 -4.24
C GLN C 45 8.16 9.43 -4.42
N ALA C 46 7.11 9.30 -3.62
CA ALA C 46 6.08 10.31 -3.57
C ALA C 46 6.61 11.48 -2.77
N PRO C 47 6.13 12.71 -3.06
CA PRO C 47 6.66 13.85 -2.33
C PRO C 47 6.25 13.82 -0.88
N ARG C 48 6.99 14.55 -0.05
CA ARG C 48 6.78 14.54 1.41
C ARG C 48 6.59 15.95 1.97
N LEU C 49 5.61 16.13 2.84
CA LEU C 49 5.30 17.47 3.38
C LEU C 49 6.32 17.90 4.41
N LEU C 50 6.94 19.06 4.16
CA LEU C 50 7.96 19.67 5.01
C LEU C 50 7.41 20.84 5.80
N ILE C 51 6.84 21.79 5.06
CA ILE C 51 6.36 23.04 5.64
C ILE C 51 4.93 23.31 5.20
N TYR C 52 4.07 23.67 6.14
CA TYR C 52 2.70 24.04 5.76
C TYR C 52 2.34 25.39 6.40
N GLY C 53 1.40 26.09 5.80
CA GLY C 53 1.02 27.42 6.26
C GLY C 53 2.21 28.37 6.28
N ALA C 54 3.12 28.19 5.33
CA ALA C 54 4.27 29.10 5.13
C ALA C 54 5.45 28.78 6.04
N SER C 55 5.18 28.56 7.33
CA SER C 55 6.26 28.33 8.28
C SER C 55 6.03 27.21 9.29
N SER C 56 4.87 26.55 9.27
CA SER C 56 4.60 25.49 10.23
C SER C 56 5.24 24.18 9.80
N ARG C 57 5.50 23.31 10.78
CA ARG C 57 6.23 22.07 10.55
C ARG C 57 5.51 20.86 11.13
N PRO C 58 5.13 19.91 10.26
CA PRO C 58 4.45 18.71 10.73
C PRO C 58 5.35 17.93 11.66
N SER C 59 4.74 17.19 12.58
CA SER C 59 5.49 16.30 13.46
C SER C 59 6.28 15.31 12.60
N GLY C 60 7.47 14.94 13.07
CA GLY C 60 8.36 14.02 12.34
C GLY C 60 9.28 14.68 11.31
N VAL C 61 8.94 15.89 10.88
CA VAL C 61 9.81 16.65 10.00
C VAL C 61 10.99 17.24 10.77
N ALA C 62 12.15 17.22 10.12
CA ALA C 62 13.41 17.58 10.75
C ALA C 62 13.53 19.07 11.15
N ASP C 63 14.21 19.27 12.27
CA ASP C 63 14.41 20.60 12.86
C ASP C 63 15.14 21.58 11.92
N ARG C 64 16.08 21.04 11.15
CA ARG C 64 16.89 21.88 10.27
C ARG C 64 16.10 22.60 9.15
N PHE C 65 14.88 22.13 8.87
CA PHE C 65 14.01 22.75 7.86
C PHE C 65 13.21 23.91 8.42
N SER C 66 13.18 25.00 7.68
CA SER C 66 12.50 26.21 8.15
C SER C 66 11.81 26.91 6.99
N GLY C 67 10.56 27.31 7.22
CA GLY C 67 9.80 28.07 6.23
C GLY C 67 9.63 29.52 6.64
N SER C 68 9.52 30.41 5.67
CA SER C 68 9.28 31.83 5.99
C SER C 68 8.76 32.60 4.79
N GLY C 69 8.17 33.76 5.06
CA GLY C 69 7.68 34.66 4.02
C GLY C 69 6.21 35.01 4.15
N SER C 70 5.76 35.92 3.30
CA SER C 70 4.39 36.43 3.33
C SER C 70 4.03 37.13 2.02
N GLY C 71 2.83 36.87 1.53
CA GLY C 71 2.38 37.48 0.29
C GLY C 71 2.93 36.80 -0.96
N THR C 72 4.00 37.37 -1.51
CA THR C 72 4.48 36.95 -2.83
C THR C 72 5.86 36.29 -2.81
N ASP C 73 6.68 36.61 -1.82
CA ASP C 73 8.00 35.95 -1.68
C ASP C 73 8.02 34.97 -0.51
N PHE C 74 8.50 33.75 -0.78
CA PHE C 74 8.69 32.76 0.27
C PHE C 74 10.03 32.06 0.12
N THR C 75 10.59 31.68 1.26
CA THR C 75 11.87 31.00 1.31
C THR C 75 11.83 29.70 2.12
N LEU C 76 12.41 28.65 1.54
CA LEU C 76 12.67 27.42 2.29
C LEU C 76 14.16 27.34 2.54
N THR C 77 14.52 27.24 3.82
CA THR C 77 15.90 27.14 4.21
C THR C 77 16.17 25.77 4.79
N ILE C 78 17.34 25.24 4.46
CA ILE C 78 17.90 24.09 5.16
C ILE C 78 19.23 24.54 5.79
N SER C 79 19.37 24.33 7.09
CA SER C 79 20.52 24.88 7.80
C SER C 79 21.78 24.04 7.61
N ARG C 80 21.67 22.72 7.84
CA ARG C 80 22.83 21.82 7.70
C ARG C 80 22.52 20.63 6.80
N LEU C 81 22.67 20.84 5.48
CA LEU C 81 22.41 19.79 4.49
C LEU C 81 22.99 18.42 4.86
N GLU C 82 22.09 17.48 5.09
CA GLU C 82 22.45 16.07 5.32
C GLU C 82 22.40 15.38 3.96
N PRO C 83 23.06 14.21 3.81
CA PRO C 83 23.10 13.62 2.47
C PRO C 83 21.71 13.30 1.97
N GLU C 84 20.83 12.95 2.88
CA GLU C 84 19.46 12.56 2.56
C GLU C 84 18.58 13.73 2.10
N ASP C 85 19.16 14.88 1.81
CA ASP C 85 18.38 16.06 1.44
C ASP C 85 18.54 16.43 -0.03
N PHE C 86 19.45 15.76 -0.72
CA PHE C 86 19.67 16.05 -2.12
C PHE C 86 18.55 15.44 -2.95
N ALA C 87 17.45 16.18 -3.02
CA ALA C 87 16.24 15.78 -3.72
C ALA C 87 15.75 16.93 -4.57
N VAL C 88 14.51 16.85 -5.02
CA VAL C 88 13.85 17.99 -5.69
C VAL C 88 12.82 18.56 -4.73
N TYR C 89 12.68 19.88 -4.71
CA TYR C 89 11.75 20.53 -3.80
C TYR C 89 10.71 21.37 -4.51
N TYR C 90 9.44 21.15 -4.17
CA TYR C 90 8.35 21.91 -4.75
C TYR C 90 7.65 22.83 -3.72
N CYS C 91 7.28 24.04 -4.14
CA CYS C 91 6.34 24.89 -3.36
C CYS C 91 4.93 24.78 -3.91
N GLN C 92 3.95 24.98 -3.03
CA GLN C 92 2.53 24.91 -3.41
C GLN C 92 1.72 25.98 -2.71
N GLN C 93 0.75 26.54 -3.43
CA GLN C 93 -0.25 27.45 -2.83
C GLN C 93 -1.63 26.83 -2.83
N TYR C 94 -2.34 27.00 -1.73
CA TYR C 94 -3.71 26.50 -1.62
C TYR C 94 -4.60 27.60 -1.03
N GLY C 95 -4.24 28.85 -1.33
CA GLY C 95 -4.94 30.02 -0.81
C GLY C 95 -6.25 30.32 -1.52
N GLN C 96 -6.42 29.75 -2.71
CA GLN C 96 -7.71 29.80 -3.40
C GLN C 96 -8.05 28.42 -3.98
N SER C 97 -9.30 28.23 -4.36
CA SER C 97 -9.75 26.91 -4.86
C SER C 97 -8.77 26.30 -5.87
N LEU C 98 -8.25 27.13 -6.77
CA LEU C 98 -7.33 26.67 -7.82
C LEU C 98 -5.91 26.66 -7.29
N SER C 99 -5.46 25.47 -6.89
CA SER C 99 -4.11 25.27 -6.33
C SER C 99 -3.09 25.02 -7.45
N THR C 100 -1.89 25.57 -7.23
CA THR C 100 -0.81 25.45 -8.20
C THR C 100 0.50 25.09 -7.51
N PHE C 101 1.39 24.45 -8.26
CA PHE C 101 2.72 24.09 -7.82
C PHE C 101 3.78 24.89 -8.58
N GLY C 102 4.94 25.06 -7.96
CA GLY C 102 6.10 25.59 -8.66
C GLY C 102 6.80 24.52 -9.50
N GLN C 103 7.68 24.95 -10.42
CA GLN C 103 8.38 24.03 -11.31
C GLN C 103 9.47 23.24 -10.59
N GLY C 104 9.83 23.68 -9.39
CA GLY C 104 10.72 22.91 -8.53
C GLY C 104 12.18 23.27 -8.64
N THR C 105 12.93 22.98 -7.57
CA THR C 105 14.37 23.24 -7.53
C THR C 105 15.16 21.96 -7.27
N LYS C 106 16.04 21.61 -8.20
CA LYS C 106 16.91 20.45 -8.06
C LYS C 106 18.08 20.80 -7.15
N VAL C 107 18.15 20.19 -5.97
CA VAL C 107 19.30 20.39 -5.09
C VAL C 107 20.26 19.21 -5.23
N GLU C 108 21.33 19.39 -5.99
CA GLU C 108 22.22 18.29 -6.34
C GLU C 108 23.62 18.45 -5.74
N VAL C 109 24.26 17.32 -5.48
CA VAL C 109 25.61 17.30 -4.90
C VAL C 109 26.63 17.80 -5.93
N LYS C 110 27.33 18.87 -5.57
CA LYS C 110 28.37 19.44 -6.42
C LYS C 110 29.68 18.67 -6.26
N LEU C 111 30.44 18.59 -7.35
CA LEU C 111 31.75 17.91 -7.37
C LEU C 111 31.74 16.82 -8.43
N GLU D 3 5.07 -31.27 -7.41
CA GLU D 3 4.02 -30.48 -6.67
C GLU D 3 3.28 -31.29 -5.59
N ILE D 4 3.30 -30.78 -4.36
CA ILE D 4 2.78 -31.51 -3.19
C ILE D 4 1.31 -31.21 -2.95
N VAL D 5 0.48 -32.22 -3.15
CA VAL D 5 -0.94 -32.12 -2.83
C VAL D 5 -1.14 -32.37 -1.33
N LEU D 6 -1.71 -31.37 -0.67
CA LEU D 6 -2.08 -31.49 0.74
C LEU D 6 -3.58 -31.77 0.86
N THR D 7 -3.94 -32.84 1.54
CA THR D 7 -5.33 -33.23 1.66
C THR D 7 -5.72 -33.20 3.13
N GLN D 8 -6.64 -32.29 3.45
CA GLN D 8 -7.07 -32.06 4.83
C GLN D 8 -8.29 -32.91 5.18
N SER D 9 -8.36 -33.36 6.42
CA SER D 9 -9.55 -34.05 6.89
C SER D 9 -9.87 -33.68 8.34
N PRO D 10 -11.15 -33.79 8.72
CA PRO D 10 -12.27 -34.01 7.82
C PRO D 10 -12.61 -32.73 7.06
N GLY D 11 -13.67 -32.78 6.26
CA GLY D 11 -14.16 -31.60 5.55
C GLY D 11 -14.79 -30.61 6.50
N THR D 12 -15.80 -31.07 7.22
CA THR D 12 -16.49 -30.25 8.23
C THR D 12 -16.20 -30.79 9.61
N GLN D 13 -16.55 -30.00 10.62
CA GLN D 13 -16.45 -30.44 12.00
C GLN D 13 -17.35 -29.62 12.91
N SER D 14 -18.19 -30.31 13.67
CA SER D 14 -19.18 -29.66 14.52
C SER D 14 -18.93 -29.94 15.99
N LEU D 15 -18.68 -28.88 16.74
CA LEU D 15 -18.39 -28.99 18.15
C LEU D 15 -19.01 -27.81 18.90
N SER D 16 -19.05 -27.91 20.22
CA SER D 16 -19.48 -26.79 21.04
C SER D 16 -18.24 -26.18 21.71
N PRO D 17 -18.35 -24.92 22.16
CA PRO D 17 -17.23 -24.36 22.92
C PRO D 17 -16.85 -25.25 24.10
N GLY D 18 -15.56 -25.32 24.40
CA GLY D 18 -15.07 -26.17 25.49
C GLY D 18 -14.55 -27.51 25.00
N GLU D 19 -15.07 -27.96 23.86
CA GLU D 19 -14.64 -29.24 23.28
C GLU D 19 -13.34 -29.10 22.50
N ARG D 20 -12.71 -30.24 22.23
CA ARG D 20 -11.39 -30.29 21.61
C ARG D 20 -11.46 -30.78 20.17
N ALA D 21 -10.85 -30.00 19.27
CA ALA D 21 -10.85 -30.31 17.85
C ALA D 21 -9.48 -30.82 17.38
N THR D 22 -9.51 -31.82 16.50
CA THR D 22 -8.30 -32.44 15.95
C THR D 22 -8.37 -32.43 14.41
N LEU D 23 -7.57 -31.57 13.80
CA LEU D 23 -7.55 -31.42 12.35
C LEU D 23 -6.34 -32.14 11.78
N SER D 24 -6.50 -32.74 10.62
CA SER D 24 -5.39 -33.45 9.97
C SER D 24 -5.03 -32.84 8.61
N CYS D 25 -3.73 -32.75 8.35
CA CYS D 25 -3.22 -32.39 7.02
C CYS D 25 -2.28 -33.49 6.55
N ARG D 26 -2.59 -34.10 5.40
CA ARG D 26 -1.76 -35.16 4.78
C ARG D 26 -1.06 -34.74 3.47
N ALA D 27 0.27 -34.85 3.43
CA ALA D 27 1.06 -34.54 2.23
C ALA D 27 1.32 -35.77 1.32
N SER D 28 1.19 -35.57 0.02
CA SER D 28 1.38 -36.63 -1.00
C SER D 28 2.84 -37.05 -1.13
N GLN D 29 3.74 -36.16 -0.79
CA GLN D 29 5.14 -36.52 -0.51
C GLN D 29 5.60 -35.77 0.73
N SER D 30 6.73 -36.18 1.28
CA SER D 30 7.20 -35.62 2.54
C SER D 30 7.57 -34.14 2.37
N VAL D 31 7.38 -33.37 3.44
CA VAL D 31 7.58 -31.91 3.40
C VAL D 31 8.97 -31.57 3.92
N GLY D 32 9.69 -30.78 3.15
CA GLY D 32 11.04 -30.39 3.50
C GLY D 32 11.17 -29.58 4.78
N ASN D 33 11.94 -30.14 5.71
CA ASN D 33 12.28 -29.44 6.93
C ASN D 33 11.07 -29.13 7.82
N ASN D 34 10.05 -29.96 7.68
CA ASN D 34 8.81 -29.75 8.41
C ASN D 34 8.31 -28.33 8.25
N LYS D 35 8.51 -27.77 7.06
CA LYS D 35 8.04 -26.42 6.84
C LYS D 35 6.55 -26.49 6.51
N LEU D 36 5.73 -26.54 7.55
CA LEU D 36 4.29 -26.68 7.42
C LEU D 36 3.56 -25.76 8.37
N ALA D 37 2.75 -24.85 7.83
CA ALA D 37 2.07 -23.85 8.64
C ALA D 37 0.56 -24.08 8.70
N TRP D 38 -0.07 -23.59 9.77
CA TRP D 38 -1.52 -23.65 9.87
C TRP D 38 -2.12 -22.26 9.98
N TYR D 39 -3.24 -22.04 9.30
CA TYR D 39 -3.88 -20.74 9.27
C TYR D 39 -5.35 -20.85 9.62
N GLN D 40 -5.86 -19.76 10.18
CA GLN D 40 -7.28 -19.64 10.52
C GLN D 40 -7.90 -18.53 9.68
N GLN D 41 -9.12 -18.73 9.24
CA GLN D 41 -9.80 -17.70 8.46
C GLN D 41 -11.27 -17.68 8.83
N ARG D 42 -11.68 -16.57 9.43
CA ARG D 42 -13.09 -16.30 9.68
C ARG D 42 -13.71 -15.67 8.43
N PRO D 43 -15.05 -15.73 8.32
CA PRO D 43 -15.69 -15.25 7.11
C PRO D 43 -15.30 -13.83 6.74
N GLY D 44 -15.05 -13.61 5.46
CA GLY D 44 -14.79 -12.26 4.92
C GLY D 44 -13.50 -11.62 5.40
N GLN D 45 -12.67 -12.37 6.12
CA GLN D 45 -11.45 -11.84 6.71
C GLN D 45 -10.24 -12.53 6.15
N ALA D 46 -9.10 -11.89 6.32
CA ALA D 46 -7.82 -12.43 5.84
C ALA D 46 -7.36 -13.52 6.79
N PRO D 47 -6.67 -14.54 6.25
CA PRO D 47 -6.14 -15.59 7.11
C PRO D 47 -5.16 -15.07 8.17
N ARG D 48 -5.02 -15.85 9.24
CA ARG D 48 -4.17 -15.49 10.36
C ARG D 48 -3.32 -16.71 10.74
N LEU D 49 -2.05 -16.48 11.00
CA LEU D 49 -1.10 -17.56 11.25
C LEU D 49 -1.17 -18.07 12.69
N LEU D 50 -1.38 -19.37 12.86
CA LEU D 50 -1.45 -20.00 14.18
C LEU D 50 -0.18 -20.75 14.54
N ILE D 51 0.25 -21.62 13.64
CA ILE D 51 1.43 -22.43 13.84
C ILE D 51 2.30 -22.38 12.60
N TYR D 52 3.62 -22.51 12.81
CA TYR D 52 4.56 -22.62 11.69
C TYR D 52 5.66 -23.57 12.08
N GLY D 53 6.41 -24.05 11.10
CA GLY D 53 7.43 -25.06 11.32
C GLY D 53 6.85 -26.27 12.05
N ALA D 54 5.60 -26.59 11.74
CA ALA D 54 4.90 -27.75 12.31
C ALA D 54 4.39 -27.56 13.75
N SER D 55 5.25 -27.07 14.63
CA SER D 55 4.91 -27.02 16.07
C SER D 55 5.12 -25.66 16.75
N SER D 56 5.92 -24.79 16.15
CA SER D 56 6.13 -23.46 16.68
C SER D 56 4.84 -22.65 16.70
N ARG D 57 4.73 -21.75 17.67
CA ARG D 57 3.58 -20.88 17.83
C ARG D 57 4.04 -19.43 17.90
N PRO D 58 3.57 -18.59 16.97
CA PRO D 58 3.93 -17.17 17.01
C PRO D 58 3.42 -16.51 18.28
N SER D 59 4.18 -15.55 18.75
CA SER D 59 3.82 -14.79 19.93
C SER D 59 2.51 -14.08 19.61
N GLY D 60 1.65 -13.99 20.62
CA GLY D 60 0.32 -13.38 20.43
C GLY D 60 -0.71 -14.34 19.84
N VAL D 61 -0.38 -15.62 19.78
CA VAL D 61 -1.34 -16.66 19.42
C VAL D 61 -1.58 -17.52 20.65
N ALA D 62 -2.82 -17.62 21.09
CA ALA D 62 -3.15 -18.26 22.37
C ALA D 62 -2.62 -19.70 22.48
N ASP D 63 -2.55 -20.18 23.72
CA ASP D 63 -1.87 -21.43 24.07
C ASP D 63 -2.59 -22.71 23.58
N ARG D 64 -3.89 -22.60 23.37
CA ARG D 64 -4.72 -23.77 23.07
C ARG D 64 -4.44 -24.38 21.69
N PHE D 65 -3.89 -23.56 20.80
CA PHE D 65 -3.42 -24.04 19.51
C PHE D 65 -2.02 -24.65 19.67
N SER D 66 -1.92 -25.93 19.40
CA SER D 66 -0.62 -26.56 19.27
C SER D 66 -0.67 -27.41 18.01
N GLY D 67 0.48 -27.58 17.36
CA GLY D 67 0.57 -28.38 16.15
C GLY D 67 1.60 -29.47 16.35
N SER D 68 1.48 -30.56 15.60
CA SER D 68 2.46 -31.63 15.69
C SER D 68 2.59 -32.43 14.41
N GLY D 69 3.55 -33.35 14.39
CA GLY D 69 3.69 -34.31 13.31
C GLY D 69 4.94 -34.07 12.50
N SER D 70 5.04 -34.81 11.40
CA SER D 70 6.28 -34.86 10.61
C SER D 70 6.08 -35.63 9.29
N GLY D 71 6.92 -35.34 8.30
CA GLY D 71 6.93 -36.10 7.04
C GLY D 71 5.72 -35.80 6.17
N THR D 72 4.84 -36.79 6.04
CA THR D 72 3.64 -36.64 5.22
C THR D 72 2.39 -36.38 6.05
N ASP D 73 2.49 -36.43 7.37
CA ASP D 73 1.29 -36.29 8.20
C ASP D 73 1.41 -35.25 9.32
N PHE D 74 0.39 -34.40 9.43
CA PHE D 74 0.39 -33.31 10.41
C PHE D 74 -0.97 -33.13 11.09
N THR D 75 -0.91 -32.62 12.32
CA THR D 75 -2.09 -32.47 13.16
C THR D 75 -2.16 -31.08 13.80
N LEU D 76 -3.35 -30.50 13.83
CA LEU D 76 -3.60 -29.28 14.61
C LEU D 76 -4.60 -29.58 15.71
N THR D 77 -4.28 -29.14 16.91
CA THR D 77 -5.15 -29.40 18.04
C THR D 77 -5.54 -28.13 18.74
N ILE D 78 -6.85 -27.84 18.72
CA ILE D 78 -7.43 -26.81 19.58
C ILE D 78 -8.06 -27.53 20.77
N SER D 79 -7.41 -27.44 21.93
CA SER D 79 -7.79 -28.26 23.08
C SER D 79 -9.10 -27.85 23.74
N ARG D 80 -9.52 -26.60 23.53
CA ARG D 80 -10.72 -26.07 24.17
C ARG D 80 -11.30 -24.90 23.37
N LEU D 81 -12.21 -25.21 22.46
CA LEU D 81 -12.75 -24.20 21.57
C LEU D 81 -13.36 -23.02 22.29
N GLU D 82 -13.06 -21.82 21.80
CA GLU D 82 -13.69 -20.58 22.24
C GLU D 82 -14.52 -20.01 21.09
N PRO D 83 -15.49 -19.14 21.39
CA PRO D 83 -16.31 -18.56 20.33
C PRO D 83 -15.55 -18.18 19.05
N GLU D 84 -14.36 -17.61 19.19
CA GLU D 84 -13.63 -17.07 18.05
C GLU D 84 -12.93 -18.14 17.20
N ASP D 85 -13.09 -19.40 17.58
CA ASP D 85 -12.35 -20.48 16.93
C ASP D 85 -13.15 -21.15 15.83
N PHE D 86 -14.45 -20.85 15.78
CA PHE D 86 -15.29 -21.34 14.69
C PHE D 86 -14.94 -20.61 13.40
N ALA D 87 -14.19 -21.29 12.56
CA ALA D 87 -13.71 -20.73 11.30
C ALA D 87 -13.20 -21.84 10.40
N VAL D 88 -12.62 -21.48 9.27
CA VAL D 88 -11.96 -22.45 8.42
C VAL D 88 -10.47 -22.48 8.71
N TYR D 89 -9.88 -23.68 8.74
CA TYR D 89 -8.43 -23.81 8.97
C TYR D 89 -7.73 -24.41 7.76
N TYR D 90 -6.61 -23.81 7.36
CA TYR D 90 -5.83 -24.29 6.22
C TYR D 90 -4.43 -24.69 6.64
N CYS D 91 -3.92 -25.78 6.05
CA CYS D 91 -2.50 -26.09 6.14
C CYS D 91 -1.76 -25.64 4.89
N GLN D 92 -0.49 -25.26 5.07
CA GLN D 92 0.38 -24.86 3.97
C GLN D 92 1.72 -25.53 4.10
N GLN D 93 2.26 -26.03 2.99
CA GLN D 93 3.63 -26.53 2.99
C GLN D 93 4.52 -25.56 2.20
N TYR D 94 5.72 -25.30 2.73
CA TYR D 94 6.63 -24.32 2.13
C TYR D 94 8.09 -24.81 2.13
N GLY D 95 8.22 -26.13 2.09
CA GLY D 95 9.53 -26.78 2.18
C GLY D 95 10.21 -26.96 0.85
N GLN D 96 9.58 -26.44 -0.20
CA GLN D 96 10.22 -26.29 -1.51
C GLN D 96 9.64 -25.07 -2.17
N SER D 97 10.24 -24.63 -3.26
CA SER D 97 9.86 -23.34 -3.85
C SER D 97 8.38 -23.26 -4.26
N LEU D 98 7.84 -24.39 -4.73
CA LEU D 98 6.42 -24.48 -5.09
C LEU D 98 5.60 -24.78 -3.83
N SER D 99 5.20 -23.71 -3.14
CA SER D 99 4.42 -23.86 -1.92
C SER D 99 2.96 -24.13 -2.22
N THR D 100 2.31 -24.92 -1.36
CA THR D 100 0.90 -25.21 -1.58
C THR D 100 0.09 -25.28 -0.31
N PHE D 101 -1.21 -25.07 -0.50
CA PHE D 101 -2.19 -25.06 0.57
C PHE D 101 -3.06 -26.28 0.49
N GLY D 102 -3.54 -26.75 1.64
CA GLY D 102 -4.59 -27.76 1.68
C GLY D 102 -5.90 -27.18 1.18
N GLN D 103 -6.95 -28.00 1.08
CA GLN D 103 -8.25 -27.50 0.62
C GLN D 103 -9.10 -26.85 1.75
N GLY D 104 -8.65 -26.94 2.99
CA GLY D 104 -9.37 -26.35 4.13
C GLY D 104 -10.35 -27.26 4.86
N THR D 105 -10.43 -27.10 6.18
CA THR D 105 -11.44 -27.77 7.01
C THR D 105 -12.32 -26.76 7.75
N LYS D 106 -13.64 -26.94 7.69
CA LYS D 106 -14.55 -26.03 8.40
C LYS D 106 -14.77 -26.53 9.83
N VAL D 107 -14.64 -25.63 10.78
CA VAL D 107 -15.06 -25.90 12.16
C VAL D 107 -16.27 -25.01 12.46
N GLU D 108 -17.40 -25.68 12.64
CA GLU D 108 -18.70 -25.05 12.81
C GLU D 108 -19.33 -25.45 14.16
N VAL D 109 -20.22 -24.59 14.64
CA VAL D 109 -20.94 -24.78 15.91
C VAL D 109 -21.98 -25.91 15.83
N LYS D 110 -22.11 -26.64 16.93
CA LYS D 110 -23.00 -27.79 17.01
C LYS D 110 -24.40 -27.36 17.43
N LEU D 111 -25.39 -27.69 16.61
CA LEU D 111 -26.81 -27.53 16.98
C LEU D 111 -27.54 -28.81 16.59
N VAL D 112 -28.07 -29.49 17.60
CA VAL D 112 -28.72 -30.79 17.43
C VAL D 112 -30.06 -30.83 18.16
N PRO D 113 -31.04 -31.60 17.65
CA PRO D 113 -32.36 -31.66 18.28
C PRO D 113 -32.47 -32.73 19.35
N ASP E 44 -13.95 33.85 -4.56
CA ASP E 44 -13.72 34.29 -3.15
C ASP E 44 -13.53 33.10 -2.19
N PRO E 45 -14.63 32.43 -1.84
CA PRO E 45 -14.59 31.29 -0.93
C PRO E 45 -13.57 30.27 -1.39
N ASN E 46 -12.81 29.73 -0.44
CA ASN E 46 -11.74 28.79 -0.77
C ASN E 46 -12.09 27.37 -0.35
N TRP E 47 -12.20 26.51 -1.36
CA TRP E 47 -12.55 25.13 -1.20
C TRP E 47 -11.67 24.49 -0.15
N PHE E 48 -10.44 24.99 0.00
CA PHE E 48 -9.49 24.37 0.94
C PHE E 48 -9.82 24.70 2.40
N ASP E 49 -10.83 25.55 2.62
CA ASP E 49 -11.23 25.95 3.97
C ASP E 49 -12.42 25.12 4.45
N ILE E 50 -13.12 24.49 3.52
CA ILE E 50 -14.36 23.81 3.86
C ILE E 50 -14.24 22.77 4.97
N THR E 51 -13.20 21.95 4.95
CA THR E 51 -13.02 20.91 5.96
C THR E 51 -12.75 21.52 7.34
N ALA E 52 -12.07 22.66 7.37
CA ALA E 52 -11.86 23.41 8.63
C ALA E 52 -13.19 23.63 9.35
N GLN E 53 -14.21 24.02 8.57
CA GLN E 53 -15.56 24.23 9.09
C GLN E 53 -16.18 22.93 9.54
N LEU E 54 -16.06 21.90 8.72
CA LEU E 54 -16.50 20.56 9.12
C LEU E 54 -15.89 20.15 10.46
N TRP E 55 -14.66 20.56 10.73
CA TRP E 55 -14.03 20.22 12.02
C TRP E 55 -14.65 21.01 13.16
N GLU E 56 -14.63 22.34 13.05
CA GLU E 56 -15.21 23.23 14.06
C GLU E 56 -16.63 22.79 14.43
N PHE E 57 -17.33 22.20 13.47
CA PHE E 57 -18.69 21.73 13.70
C PHE E 57 -18.68 20.56 14.66
N SER E 58 -17.88 19.55 14.34
CA SER E 58 -17.77 18.36 15.16
C SER E 58 -17.48 18.71 16.62
N GLN E 59 -16.55 19.63 16.83
CA GLN E 59 -16.18 20.04 18.19
C GLN E 59 -17.42 20.53 18.95
N GLU E 60 -18.50 20.77 18.22
CA GLU E 60 -19.82 21.00 18.82
C GLU E 60 -20.57 19.67 18.99
N LEU E 61 -20.76 18.96 17.87
CA LEU E 61 -21.46 17.66 17.86
C LEU E 61 -20.51 16.53 18.28
N ASP F 44 16.98 -27.73 -6.00
CA ASP F 44 17.02 -28.22 -4.60
C ASP F 44 17.03 -27.07 -3.58
N PRO F 45 17.73 -25.95 -3.87
CA PRO F 45 17.63 -24.82 -2.95
C PRO F 45 16.19 -24.36 -2.83
N ASN F 46 15.82 -23.83 -1.68
CA ASN F 46 14.45 -23.44 -1.45
C ASN F 46 14.31 -21.94 -1.25
N TRP F 47 13.52 -21.34 -2.12
CA TRP F 47 13.35 -19.91 -2.16
C TRP F 47 12.82 -19.37 -0.84
N PHE F 48 12.21 -20.23 -0.05
CA PHE F 48 11.65 -19.81 1.22
C PHE F 48 12.73 -19.67 2.30
N ASP F 49 13.92 -20.16 1.99
CA ASP F 49 15.07 -20.09 2.92
C ASP F 49 16.02 -18.93 2.62
N ILE F 50 15.77 -18.20 1.55
CA ILE F 50 16.74 -17.22 1.10
C ILE F 50 16.84 -16.07 2.06
N THR F 51 15.70 -15.62 2.57
CA THR F 51 15.70 -14.48 3.47
C THR F 51 16.41 -14.79 4.78
N ALA F 52 16.47 -16.07 5.15
CA ALA F 52 17.25 -16.50 6.33
C ALA F 52 18.72 -16.15 6.13
N GLN F 53 19.23 -16.37 4.94
CA GLN F 53 20.60 -16.03 4.60
C GLN F 53 20.85 -14.52 4.64
N LEU F 54 19.96 -13.75 4.04
CA LEU F 54 20.12 -12.31 4.04
C LEU F 54 20.05 -11.81 5.48
N TRP F 55 19.21 -12.42 6.30
CA TRP F 55 19.09 -12.00 7.70
C TRP F 55 20.44 -12.05 8.41
N GLU F 56 21.16 -13.16 8.24
CA GLU F 56 22.45 -13.36 8.87
C GLU F 56 23.49 -12.32 8.47
N PHE F 57 23.35 -11.80 7.27
CA PHE F 57 24.19 -10.71 6.80
C PHE F 57 23.86 -9.41 7.52
N SER F 58 22.58 -9.23 7.83
CA SER F 58 22.15 -8.06 8.60
C SER F 58 22.73 -8.14 10.02
N GLN F 59 22.56 -9.29 10.67
CA GLN F 59 23.16 -9.52 11.99
C GLN F 59 24.67 -9.25 11.98
N GLU F 60 25.33 -9.59 10.89
CA GLU F 60 26.78 -9.40 10.78
C GLU F 60 27.14 -7.91 10.68
N LEU F 61 26.24 -7.11 10.10
CA LEU F 61 26.44 -5.67 10.03
C LEU F 61 26.37 -5.03 11.40
N ARG F 62 25.21 -5.17 12.05
CA ARG F 62 25.04 -4.60 13.38
C ARG F 62 26.11 -5.14 14.33
N ASN F 63 26.08 -6.46 14.56
CA ASN F 63 26.97 -7.12 15.51
C ASN F 63 28.47 -6.91 15.23
N ARG F 64 28.83 -6.64 13.99
CA ARG F 64 30.19 -6.23 13.67
C ARG F 64 30.33 -4.73 13.96
CA CA G . -8.52 1.55 -13.80
#